data_9G8H
#
_entry.id   9G8H
#
_cell.length_a   48.005
_cell.length_b   61.406
_cell.length_c   186.396
_cell.angle_alpha   90.00
_cell.angle_beta   90.00
_cell.angle_gamma   90.00
#
_symmetry.space_group_name_H-M   'P 21 21 21'
#
loop_
_entity.id
_entity.type
_entity.pdbx_description
1 polymer 'Galactose oxidase'
2 polymer SER-HIS-SER-SER-GLY-ALA
3 non-polymer beta-D-galactopyranose
4 non-polymer 'TETRAETHYLENE GLYCOL'
5 non-polymer GLYCEROL
6 non-polymer 'PHOSPHATE ION'
7 non-polymer 'CALCIUM ION'
8 non-polymer 'SULFATE ION'
9 water water
#
loop_
_entity_poly.entity_id
_entity_poly.type
_entity_poly.pdbx_seq_one_letter_code
_entity_poly.pdbx_strand_id
1 'polypeptide(L)'
;SGPLPRDGWLASASDQETANENGRAANVLDGDAATLWHSRYSPAPAAPLPHTLTIDMGVVNQVAGLRYLPRFDNMNGRVG
GYSIHASSNGTSWNLLARGTWADNADEKTVTFAAASARYIRLTASTEAGNRGPWSSAAEINLLGTPPKGPGTWSPTVNFP
LVPAAAALLPGNRLLTWSAYSPITFGGETGITQSAILDLNTGAVSQAEVANTGHDMFCPGTSLLPDGRILVSGGSNSEKT
SLFSPATNTWAPGPDMNVGRGYQSNVTTSTGEVFTLGGSWSGGLGSKHGEIWSSTGGWRPLPDVPVDSILTDDPGGEFRS
DNHAWLFSAAGGRVFHAGPSREMNWISTAGTGSVTSAGTRADSADAMNGNAVMYDVGKILTMGGAPGYDNSDATARAYTI
DINNGVDVARTSDMAVSRSFANGVALPDGQVLVVGGQAHAVPFTDTGARMAPELWNPATEEWTAMAPMAVPRTYHSVALL
LADGRVFVGGGGLCGTCTTNHLDGEIFTPPYLLNADGSARTRPTIVDAPATATAGSKISVTTGSKISKFSLMRMSSVTHT
VNTDQRRIPLTATGTYGNNTATLTLPADRGVLVPGAYMLFAMDGNGVPSVATTIQIS
;
A
2 'polypeptide(L)' SHSSGA Q
#
# COMPACT_ATOMS: atom_id res chain seq x y z
N SER A 1 0.99 22.05 -23.85
CA SER A 1 1.03 21.25 -22.60
C SER A 1 -0.01 21.77 -21.62
N GLY A 2 -0.80 20.85 -21.08
CA GLY A 2 -1.61 21.15 -19.92
C GLY A 2 -0.75 21.00 -18.67
N PRO A 3 -1.21 21.47 -17.49
CA PRO A 3 -0.44 21.35 -16.26
C PRO A 3 -0.42 19.89 -15.80
N LEU A 4 0.71 19.46 -15.22
CA LEU A 4 0.82 18.14 -14.65
C LEU A 4 -0.02 18.11 -13.37
N PRO A 5 -0.58 16.96 -12.94
CA PRO A 5 -1.21 16.88 -11.62
C PRO A 5 -0.13 16.86 -10.53
N ARG A 6 -0.42 17.48 -9.39
CA ARG A 6 0.62 17.73 -8.41
C ARG A 6 0.50 16.81 -7.19
N ASP A 7 -0.39 15.83 -7.21
CA ASP A 7 -0.52 14.92 -6.08
C ASP A 7 0.85 14.33 -5.78
N GLY A 8 1.26 14.38 -4.52
CA GLY A 8 2.50 13.74 -4.15
C GLY A 8 3.75 14.60 -4.31
N TRP A 9 3.63 15.79 -4.94
CA TRP A 9 4.75 16.70 -5.10
C TRP A 9 5.19 17.23 -3.74
N LEU A 10 6.52 17.40 -3.57
CA LEU A 10 7.08 17.96 -2.36
C LEU A 10 8.06 19.06 -2.74
N ALA A 11 7.88 20.23 -2.10
CA ALA A 11 8.62 21.46 -2.32
C ALA A 11 9.62 21.69 -1.19
N SER A 12 10.85 22.04 -1.54
CA SER A 12 11.84 22.43 -0.54
C SER A 12 12.60 23.68 -1.02
N ALA A 13 13.32 24.35 -0.13
CA ALA A 13 14.00 25.56 -0.59
C ALA A 13 15.35 25.75 0.09
N SER A 14 16.13 26.70 -0.46
CA SER A 14 17.37 27.18 0.12
C SER A 14 17.12 27.76 1.51
N ASP A 15 16.04 28.53 1.63
CA ASP A 15 15.73 29.28 2.84
C ASP A 15 14.24 29.58 2.76
N GLN A 16 13.63 29.84 3.91
CA GLN A 16 12.22 30.23 3.92
C GLN A 16 11.90 30.94 5.22
N GLU A 17 10.97 31.89 5.17
CA GLU A 17 10.47 32.57 6.34
C GLU A 17 9.44 31.70 7.06
N THR A 18 9.51 31.72 8.40
CA THR A 18 8.52 31.10 9.28
C THR A 18 8.32 31.94 10.53
N ALA A 19 9.27 32.84 10.83
CA ALA A 19 9.18 33.67 12.02
C ALA A 19 8.09 34.74 11.91
N ASN A 20 8.11 35.54 10.84
CA ASN A 20 7.29 36.74 10.74
C ASN A 20 6.01 36.51 9.93
N GLU A 21 5.97 35.42 9.15
CA GLU A 21 4.77 34.91 8.50
C GLU A 21 5.05 33.46 8.13
N ASN A 22 4.05 32.80 7.53
CA ASN A 22 4.20 31.41 7.11
C ASN A 22 4.72 31.36 5.68
N GLY A 23 6.04 31.27 5.54
CA GLY A 23 6.63 31.37 4.21
C GLY A 23 7.18 30.04 3.72
N ARG A 24 6.56 28.93 4.12
CA ARG A 24 7.15 27.62 3.82
C ARG A 24 7.04 27.30 2.33
N ALA A 25 8.11 26.66 1.82
CA ALA A 25 8.17 26.15 0.45
C ALA A 25 6.87 25.45 0.03
N ALA A 26 6.25 24.68 0.95
CA ALA A 26 5.11 23.82 0.68
C ALA A 26 3.86 24.61 0.25
N ASN A 27 3.87 25.93 0.49
CA ASN A 27 2.74 26.82 0.21
C ASN A 27 2.59 27.09 -1.29
N VAL A 28 3.56 26.63 -2.12
CA VAL A 28 3.49 26.87 -3.56
C VAL A 28 2.67 25.75 -4.22
N LEU A 29 2.35 24.70 -3.44
CA LEU A 29 1.71 23.50 -3.98
C LEU A 29 0.27 23.33 -3.48
N ASP A 30 -0.19 24.15 -2.53
CA ASP A 30 -1.46 23.92 -1.86
C ASP A 30 -2.66 24.38 -2.70
N GLY A 31 -2.42 25.15 -3.78
CA GLY A 31 -3.53 25.67 -4.56
C GLY A 31 -4.14 26.98 -4.06
N ASP A 32 -3.73 27.46 -2.88
CA ASP A 32 -4.23 28.70 -2.30
C ASP A 32 -3.39 29.92 -2.77
N ALA A 33 -4.08 30.92 -3.36
CA ALA A 33 -3.45 32.12 -3.89
C ALA A 33 -2.90 33.04 -2.79
N ALA A 34 -3.47 32.90 -1.58
CA ALA A 34 -3.13 33.66 -0.38
C ALA A 34 -1.89 33.12 0.36
N THR A 35 -1.49 31.85 0.17
CA THR A 35 -0.32 31.30 0.87
C THR A 35 0.92 31.30 -0.02
N LEU A 36 2.07 31.71 0.55
CA LEU A 36 3.30 31.99 -0.19
C LEU A 36 4.46 31.17 0.35
N TRP A 37 5.41 30.88 -0.56
CA TRP A 37 6.80 30.72 -0.19
C TRP A 37 7.47 32.09 -0.21
N HIS A 38 8.10 32.44 0.92
CA HIS A 38 8.93 33.64 0.97
C HIS A 38 10.29 33.24 1.50
N SER A 39 11.35 33.79 0.89
CA SER A 39 12.70 33.63 1.38
C SER A 39 12.81 34.16 2.82
N ARG A 40 13.78 33.63 3.58
CA ARG A 40 14.00 34.00 4.97
C ARG A 40 14.52 35.43 5.07
N TYR A 41 13.85 36.24 5.89
CA TYR A 41 14.23 37.63 6.05
C TYR A 41 14.46 37.96 7.53
N SER A 42 13.97 37.11 8.43
CA SER A 42 14.17 37.34 9.86
C SER A 42 14.79 36.11 10.50
N PRO A 43 15.66 36.26 11.53
CA PRO A 43 16.19 37.57 11.94
C PRO A 43 17.20 38.12 10.94
N ALA A 44 17.55 39.40 11.11
CA ALA A 44 18.67 39.99 10.37
C ALA A 44 19.92 39.15 10.63
N PRO A 45 20.78 38.94 9.61
CA PRO A 45 20.50 39.45 8.26
C PRO A 45 19.54 38.54 7.50
N ALA A 46 18.61 39.17 6.76
CA ALA A 46 17.81 38.44 5.78
C ALA A 46 18.76 37.60 4.94
N ALA A 47 18.28 36.44 4.46
CA ALA A 47 19.03 35.63 3.49
C ALA A 47 19.10 36.38 2.15
N PRO A 48 20.29 36.43 1.50
CA PRO A 48 20.45 37.15 0.23
C PRO A 48 20.05 36.36 -1.02
N LEU A 49 19.79 37.10 -2.12
CA LEU A 49 19.61 36.49 -3.44
C LEU A 49 20.92 35.82 -3.85
N PRO A 50 20.97 34.78 -4.72
CA PRO A 50 19.79 34.09 -5.23
C PRO A 50 19.10 33.17 -4.21
N HIS A 51 17.87 32.77 -4.54
CA HIS A 51 17.10 31.85 -3.73
C HIS A 51 16.65 30.71 -4.62
N THR A 52 16.50 29.51 -4.05
CA THR A 52 16.09 28.37 -4.87
C THR A 52 14.85 27.71 -4.31
N LEU A 53 14.01 27.22 -5.22
CA LEU A 53 12.85 26.43 -4.85
C LEU A 53 12.89 25.13 -5.66
N THR A 54 12.95 23.97 -4.98
CA THR A 54 13.02 22.68 -5.65
C THR A 54 11.73 21.88 -5.45
N ILE A 55 11.28 21.22 -6.53
CA ILE A 55 10.10 20.36 -6.51
C ILE A 55 10.49 18.93 -6.86
N ASP A 56 10.22 18.01 -5.92
CA ASP A 56 10.32 16.58 -6.16
C ASP A 56 8.95 16.02 -6.53
N MET A 57 8.84 15.54 -7.76
CA MET A 57 7.54 15.24 -8.33
C MET A 57 7.09 13.85 -7.92
N GLY A 58 8.04 13.02 -7.44
CA GLY A 58 7.81 11.63 -7.08
C GLY A 58 7.91 10.67 -8.29
N VAL A 59 7.96 11.24 -9.49
CA VAL A 59 7.90 10.44 -10.71
C VAL A 59 8.74 11.11 -11.80
N VAL A 60 9.16 10.33 -12.81
CA VAL A 60 9.88 10.91 -13.94
C VAL A 60 8.90 11.31 -15.03
N ASN A 61 8.41 12.55 -14.94
CA ASN A 61 7.51 13.10 -15.95
C ASN A 61 8.30 13.63 -17.15
N GLN A 62 7.57 14.05 -18.20
CA GLN A 62 8.08 14.92 -19.26
C GLN A 62 7.67 16.38 -18.97
N VAL A 63 8.67 17.24 -18.77
CA VAL A 63 8.36 18.63 -18.44
C VAL A 63 8.71 19.56 -19.60
N ALA A 64 7.74 20.39 -19.99
CA ALA A 64 7.87 21.33 -21.11
C ALA A 64 7.66 22.79 -20.70
N GLY A 65 7.28 23.05 -19.44
CA GLY A 65 7.16 24.42 -19.01
C GLY A 65 6.91 24.56 -17.51
N LEU A 66 6.88 25.82 -17.04
CA LEU A 66 6.64 26.14 -15.64
C LEU A 66 5.73 27.37 -15.56
N ARG A 67 4.78 27.35 -14.62
CA ARG A 67 3.93 28.51 -14.35
C ARG A 67 4.20 29.08 -12.95
N TYR A 68 4.57 30.37 -12.92
CA TYR A 68 4.84 31.09 -11.68
C TYR A 68 3.66 32.01 -11.36
N LEU A 69 3.02 31.79 -10.20
CA LEU A 69 1.97 32.70 -9.76
C LEU A 69 2.48 33.57 -8.61
N PRO A 70 2.61 34.90 -8.83
CA PRO A 70 3.08 35.83 -7.79
C PRO A 70 2.02 35.99 -6.70
N ARG A 71 2.42 36.41 -5.49
CA ARG A 71 1.50 36.91 -4.47
C ARG A 71 0.61 38.02 -5.08
N PHE A 72 -0.52 38.30 -4.42
CA PHE A 72 -1.46 39.33 -4.83
C PHE A 72 -1.53 40.46 -3.80
N ASP A 73 -0.85 40.32 -2.67
CA ASP A 73 -1.01 41.27 -1.57
C ASP A 73 -0.06 42.47 -1.69
N ASN A 74 1.13 42.28 -2.28
CA ASN A 74 2.13 43.32 -2.47
C ASN A 74 3.18 42.83 -3.47
N MET A 75 4.29 43.56 -3.58
CA MET A 75 5.19 43.32 -4.72
C MET A 75 6.47 42.60 -4.27
N ASN A 76 6.63 42.43 -2.95
CA ASN A 76 7.88 41.98 -2.36
C ASN A 76 8.20 40.56 -2.78
N GLY A 77 9.21 40.42 -3.62
CA GLY A 77 9.81 39.12 -3.83
C GLY A 77 9.40 38.50 -5.16
N ARG A 78 8.57 39.23 -5.93
CA ARG A 78 8.28 38.90 -7.32
C ARG A 78 9.59 38.58 -8.05
N VAL A 79 9.69 37.38 -8.60
CA VAL A 79 10.92 36.94 -9.23
C VAL A 79 11.16 37.72 -10.52
N GLY A 80 12.39 38.24 -10.69
CA GLY A 80 12.81 38.88 -11.93
C GLY A 80 13.59 37.90 -12.82
N GLY A 81 14.91 37.86 -12.67
CA GLY A 81 15.73 36.88 -13.38
C GLY A 81 15.61 35.48 -12.77
N TYR A 82 15.55 34.47 -13.65
CA TYR A 82 15.20 33.12 -13.24
C TYR A 82 16.03 32.08 -14.01
N SER A 83 16.21 30.92 -13.41
CA SER A 83 16.82 29.78 -14.05
C SER A 83 16.01 28.55 -13.69
N ILE A 84 15.97 27.59 -14.63
CA ILE A 84 15.23 26.35 -14.48
C ILE A 84 16.19 25.18 -14.79
N HIS A 85 16.28 24.25 -13.83
CA HIS A 85 17.12 23.07 -13.95
C HIS A 85 16.24 21.83 -13.77
N ALA A 86 16.68 20.67 -14.30
CA ALA A 86 15.96 19.41 -14.20
C ALA A 86 16.92 18.27 -13.89
N SER A 87 16.51 17.38 -13.00
CA SER A 87 17.24 16.15 -12.78
C SER A 87 16.27 14.96 -12.82
N SER A 88 16.76 13.84 -13.37
CA SER A 88 16.04 12.58 -13.35
C SER A 88 16.43 11.72 -12.16
N ASN A 89 17.66 11.88 -11.65
CA ASN A 89 18.24 10.96 -10.69
C ASN A 89 18.50 11.65 -9.36
N GLY A 90 18.52 12.99 -9.39
CA GLY A 90 18.63 13.80 -8.17
C GLY A 90 19.98 14.50 -8.07
N THR A 91 20.99 13.94 -8.73
CA THR A 91 22.37 14.34 -8.56
C THR A 91 22.86 15.17 -9.74
N SER A 92 22.66 14.72 -10.98
CA SER A 92 23.05 15.58 -12.09
C SER A 92 21.88 16.43 -12.54
N TRP A 93 22.18 17.70 -12.85
CA TRP A 93 21.18 18.72 -13.17
C TRP A 93 21.47 19.36 -14.52
N ASN A 94 20.43 19.89 -15.17
CA ASN A 94 20.56 20.43 -16.52
C ASN A 94 19.71 21.67 -16.65
N LEU A 95 20.30 22.72 -17.23
CA LEU A 95 19.60 23.97 -17.52
C LEU A 95 18.64 23.78 -18.70
N LEU A 96 17.41 24.26 -18.56
CA LEU A 96 16.43 24.12 -19.62
C LEU A 96 16.01 25.50 -20.12
N ALA A 97 16.20 26.53 -19.27
CA ALA A 97 15.67 27.84 -19.56
C ALA A 97 16.27 28.82 -18.56
N ARG A 98 16.30 30.09 -18.98
CA ARG A 98 16.84 31.22 -18.23
C ARG A 98 16.27 32.46 -18.90
N GLY A 99 15.86 33.46 -18.10
CA GLY A 99 15.11 34.61 -18.58
C GLY A 99 14.90 35.65 -17.48
N THR A 100 13.98 36.59 -17.70
CA THR A 100 13.58 37.57 -16.71
C THR A 100 12.07 37.73 -16.80
N TRP A 101 11.41 37.89 -15.65
CA TRP A 101 9.98 38.17 -15.63
C TRP A 101 9.72 39.65 -15.26
N ALA A 102 8.77 40.29 -15.95
CA ALA A 102 8.37 41.67 -15.68
C ALA A 102 7.78 41.82 -14.28
N ASP A 103 7.86 43.07 -13.77
CA ASP A 103 7.44 43.41 -12.42
C ASP A 103 5.94 43.66 -12.40
N ASN A 104 5.14 42.59 -12.44
CA ASN A 104 3.70 42.71 -12.31
C ASN A 104 3.14 41.45 -11.61
N ALA A 105 1.82 41.44 -11.41
CA ALA A 105 1.18 40.41 -10.63
C ALA A 105 0.64 39.29 -11.54
N ASP A 106 0.97 39.35 -12.83
CA ASP A 106 0.46 38.38 -13.79
C ASP A 106 1.15 37.03 -13.59
N GLU A 107 0.39 35.95 -13.70
CA GLU A 107 0.99 34.63 -13.68
C GLU A 107 1.95 34.54 -14.88
N LYS A 108 3.16 34.06 -14.65
CA LYS A 108 4.15 33.93 -15.70
C LYS A 108 4.27 32.48 -16.18
N THR A 109 4.62 32.33 -17.47
CA THR A 109 4.79 31.03 -18.11
C THR A 109 6.12 30.97 -18.84
N VAL A 110 6.78 29.81 -18.75
CA VAL A 110 8.02 29.55 -19.45
C VAL A 110 7.89 28.13 -20.01
N THR A 111 8.15 27.98 -21.31
CA THR A 111 8.09 26.70 -21.99
C THR A 111 9.42 26.45 -22.68
N PHE A 112 9.81 25.18 -22.78
CA PHE A 112 11.12 24.76 -23.25
C PHE A 112 10.96 23.44 -23.99
N ALA A 113 12.09 22.82 -24.35
CA ALA A 113 12.07 21.50 -24.95
C ALA A 113 11.78 20.46 -23.85
N ALA A 114 10.88 19.51 -24.14
CA ALA A 114 10.50 18.46 -23.21
C ALA A 114 11.70 17.72 -22.65
N ALA A 115 11.68 17.50 -21.34
CA ALA A 115 12.81 16.89 -20.64
C ALA A 115 12.27 15.88 -19.62
N SER A 116 12.97 14.74 -19.50
CA SER A 116 12.69 13.73 -18.47
C SER A 116 13.24 14.19 -17.13
N ALA A 117 12.37 14.31 -16.13
CA ALA A 117 12.76 14.85 -14.83
C ALA A 117 11.83 14.35 -13.73
N ARG A 118 12.44 14.09 -12.58
CA ARG A 118 11.71 13.93 -11.34
C ARG A 118 11.73 15.26 -10.57
N TYR A 119 12.84 16.02 -10.71
CA TYR A 119 13.08 17.27 -9.98
C TYR A 119 13.16 18.45 -10.96
N ILE A 120 12.58 19.57 -10.53
CA ILE A 120 12.64 20.85 -11.21
C ILE A 120 13.06 21.90 -10.18
N ARG A 121 14.10 22.68 -10.53
CA ARG A 121 14.58 23.68 -9.59
C ARG A 121 14.44 25.06 -10.22
N LEU A 122 13.87 25.99 -9.45
CA LEU A 122 13.76 27.38 -9.88
C LEU A 122 14.73 28.18 -9.04
N THR A 123 15.71 28.82 -9.70
CA THR A 123 16.59 29.80 -9.10
C THR A 123 16.07 31.21 -9.38
N ALA A 124 15.87 31.99 -8.31
CA ALA A 124 15.54 33.40 -8.48
C ALA A 124 16.81 34.20 -8.29
N SER A 125 17.19 34.96 -9.33
CA SER A 125 18.40 35.76 -9.28
C SER A 125 18.13 37.16 -8.78
N THR A 126 17.06 37.79 -9.26
CA THR A 126 16.75 39.15 -8.87
C THR A 126 15.31 39.21 -8.37
N GLU A 127 15.03 40.27 -7.60
CA GLU A 127 13.69 40.69 -7.21
C GLU A 127 13.27 41.73 -8.26
N ALA A 128 12.12 41.51 -8.92
CA ALA A 128 11.81 42.20 -10.17
C ALA A 128 11.81 43.74 -10.04
N GLY A 129 11.67 44.25 -8.81
CA GLY A 129 11.74 45.69 -8.62
C GLY A 129 12.99 46.10 -7.85
N ASN A 130 13.93 45.16 -7.68
CA ASN A 130 15.12 45.38 -6.88
C ASN A 130 14.70 46.06 -5.58
N ARG A 131 13.68 45.52 -4.91
CA ARG A 131 13.14 46.15 -3.72
C ARG A 131 13.86 45.65 -2.48
N GLY A 132 14.50 44.47 -2.60
CA GLY A 132 15.10 43.80 -1.46
C GLY A 132 15.63 42.44 -1.87
N PRO A 133 16.33 41.72 -0.95
CA PRO A 133 16.92 40.41 -1.28
C PRO A 133 15.93 39.26 -1.22
N TRP A 134 14.74 39.45 -1.81
CA TRP A 134 13.58 38.58 -1.59
C TRP A 134 13.18 37.84 -2.88
N SER A 135 12.71 36.59 -2.68
CA SER A 135 11.92 35.81 -3.62
C SER A 135 10.63 35.35 -2.91
N SER A 136 9.54 35.26 -3.68
CA SER A 136 8.26 34.76 -3.17
C SER A 136 7.44 34.15 -4.31
N ALA A 137 6.55 33.22 -3.97
CA ALA A 137 5.66 32.61 -4.94
C ALA A 137 4.42 32.10 -4.23
N ALA A 138 3.24 32.29 -4.87
CA ALA A 138 1.98 31.80 -4.35
C ALA A 138 1.72 30.37 -4.84
N GLU A 139 2.02 30.10 -6.11
CA GLU A 139 1.77 28.80 -6.71
C GLU A 139 2.86 28.50 -7.75
N ILE A 140 3.24 27.21 -7.87
CA ILE A 140 4.06 26.73 -8.97
C ILE A 140 3.36 25.53 -9.62
N ASN A 141 3.07 25.66 -10.92
CA ASN A 141 2.59 24.55 -11.74
C ASN A 141 3.65 24.16 -12.77
N LEU A 142 3.52 22.95 -13.30
CA LEU A 142 4.44 22.48 -14.32
C LEU A 142 3.64 21.87 -15.47
N LEU A 143 4.08 22.18 -16.69
CA LEU A 143 3.44 21.74 -17.92
C LEU A 143 4.17 20.52 -18.46
N GLY A 144 3.39 19.62 -19.07
CA GLY A 144 3.97 18.47 -19.74
C GLY A 144 3.05 17.26 -19.65
N THR A 145 3.66 16.06 -19.71
CA THR A 145 2.89 14.84 -19.84
C THR A 145 3.49 13.78 -18.92
N PRO A 146 2.63 13.07 -18.18
CA PRO A 146 3.06 12.02 -17.25
C PRO A 146 3.43 10.73 -17.99
N PRO A 147 4.18 9.79 -17.35
CA PRO A 147 4.58 8.55 -18.02
C PRO A 147 3.34 7.72 -18.33
N LYS A 148 3.36 7.04 -19.47
CA LYS A 148 2.35 6.05 -19.76
C LYS A 148 3.08 4.72 -19.78
N GLY A 149 2.60 3.76 -19.01
CA GLY A 149 3.34 2.52 -18.95
C GLY A 149 4.57 2.61 -18.06
N PRO A 150 5.18 1.46 -17.70
CA PRO A 150 4.62 0.16 -18.07
C PRO A 150 3.35 -0.17 -17.26
N GLY A 151 2.50 -1.03 -17.86
CA GLY A 151 1.17 -1.28 -17.35
C GLY A 151 0.22 -0.13 -17.69
N THR A 152 -1.02 -0.26 -17.17
CA THR A 152 -2.04 0.73 -17.46
C THR A 152 -3.06 0.78 -16.33
N TRP A 153 -3.73 1.93 -16.17
CA TRP A 153 -4.72 2.10 -15.13
C TRP A 153 -6.13 2.17 -15.71
N SER A 154 -7.10 1.63 -14.97
CA SER A 154 -8.50 1.84 -15.32
C SER A 154 -8.92 3.26 -14.91
N PRO A 155 -10.07 3.77 -15.39
CA PRO A 155 -10.70 4.93 -14.75
C PRO A 155 -11.00 4.60 -13.29
N THR A 156 -11.24 5.63 -12.47
CA THR A 156 -11.64 5.35 -11.10
C THR A 156 -12.99 4.65 -11.07
N VAL A 157 -13.24 3.87 -10.01
CA VAL A 157 -14.48 3.13 -9.86
C VAL A 157 -15.17 3.67 -8.62
N ASN A 158 -16.43 4.11 -8.76
CA ASN A 158 -17.14 4.73 -7.66
C ASN A 158 -17.42 3.72 -6.53
N PHE A 159 -17.20 4.15 -5.29
CA PHE A 159 -17.64 3.38 -4.13
C PHE A 159 -18.55 4.26 -3.28
N PRO A 160 -19.51 3.64 -2.53
CA PRO A 160 -20.40 4.35 -1.61
C PRO A 160 -19.83 4.57 -0.20
N LEU A 161 -18.54 4.29 -0.03
CA LEU A 161 -17.85 4.41 1.25
C LEU A 161 -16.36 4.51 0.93
N VAL A 162 -15.52 4.81 1.94
CA VAL A 162 -14.08 4.68 1.77
C VAL A 162 -13.72 3.21 2.00
N PRO A 163 -13.32 2.43 0.96
CA PRO A 163 -12.98 1.01 1.16
C PRO A 163 -11.69 0.80 1.95
N ALA A 164 -11.78 0.82 3.29
CA ALA A 164 -10.59 0.86 4.15
C ALA A 164 -10.18 -0.55 4.59
N ALA A 165 -11.06 -1.53 4.37
CA ALA A 165 -10.72 -2.93 4.47
C ALA A 165 -11.32 -3.65 3.27
N ALA A 166 -10.69 -4.76 2.85
CA ALA A 166 -11.14 -5.43 1.63
C ALA A 166 -10.80 -6.92 1.66
N ALA A 167 -11.61 -7.75 0.98
CA ALA A 167 -11.34 -9.18 0.84
C ALA A 167 -11.81 -9.68 -0.54
N LEU A 168 -11.04 -10.59 -1.16
CA LEU A 168 -11.42 -11.17 -2.43
C LEU A 168 -12.30 -12.42 -2.25
N LEU A 169 -13.45 -12.42 -2.94
CA LEU A 169 -14.44 -13.49 -2.95
C LEU A 169 -14.33 -14.27 -4.28
N PRO A 170 -14.71 -15.58 -4.29
CA PRO A 170 -14.76 -16.32 -5.54
C PRO A 170 -15.84 -15.70 -6.44
N GLY A 171 -15.77 -15.98 -7.74
CA GLY A 171 -16.76 -15.42 -8.63
C GLY A 171 -16.39 -14.00 -9.08
N ASN A 172 -15.17 -13.56 -8.72
CA ASN A 172 -14.68 -12.29 -9.23
C ASN A 172 -15.52 -11.13 -8.65
N ARG A 173 -15.64 -11.10 -7.31
CA ARG A 173 -16.31 -10.05 -6.56
C ARG A 173 -15.40 -9.61 -5.41
N LEU A 174 -15.58 -8.38 -4.94
CA LEU A 174 -14.67 -7.86 -3.92
C LEU A 174 -15.50 -7.23 -2.81
N LEU A 175 -15.37 -7.81 -1.61
CA LEU A 175 -16.02 -7.26 -0.43
C LEU A 175 -15.13 -6.15 0.14
N THR A 176 -15.74 -5.00 0.43
CA THR A 176 -15.05 -3.90 1.11
C THR A 176 -15.91 -3.43 2.29
N TRP A 177 -15.28 -2.78 3.28
CA TRP A 177 -16.07 -2.11 4.30
C TRP A 177 -15.32 -0.93 4.88
N SER A 178 -16.06 -0.08 5.61
CA SER A 178 -15.51 1.10 6.25
C SER A 178 -15.69 1.03 7.78
N ALA A 179 -16.78 1.62 8.27
CA ALA A 179 -17.05 1.74 9.68
C ALA A 179 -18.55 1.95 9.83
N TYR A 180 -19.01 2.57 10.93
CA TYR A 180 -20.43 2.75 11.10
C TYR A 180 -20.91 3.72 10.01
N SER A 181 -19.98 4.53 9.51
CA SER A 181 -20.28 5.56 8.53
C SER A 181 -19.52 5.28 7.25
N PRO A 182 -20.03 5.74 6.08
CA PRO A 182 -19.24 5.67 4.86
C PRO A 182 -17.90 6.44 4.92
N ILE A 183 -17.84 7.53 5.71
CA ILE A 183 -16.75 8.49 5.57
C ILE A 183 -16.07 8.85 6.89
N THR A 184 -16.51 8.27 8.02
CA THR A 184 -15.90 8.56 9.31
C THR A 184 -15.91 7.31 10.20
N PHE A 185 -15.53 7.47 11.48
CA PHE A 185 -15.51 6.36 12.42
C PHE A 185 -15.64 6.89 13.85
N GLY A 186 -15.79 5.96 14.80
CA GLY A 186 -15.73 6.27 16.22
C GLY A 186 -16.86 5.56 16.97
N GLY A 187 -16.72 5.54 18.31
CA GLY A 187 -17.67 4.88 19.19
C GLY A 187 -17.58 3.37 19.02
N GLU A 188 -18.62 2.67 19.48
CA GLU A 188 -18.71 1.22 19.35
C GLU A 188 -20.15 0.86 19.04
N THR A 189 -20.63 1.37 17.89
CA THR A 189 -22.04 1.38 17.51
C THR A 189 -22.50 0.00 17.07
N GLY A 190 -21.59 -0.89 16.67
CA GLY A 190 -21.99 -2.24 16.32
C GLY A 190 -22.75 -2.30 14.98
N ILE A 191 -22.32 -1.46 14.03
CA ILE A 191 -22.82 -1.41 12.67
C ILE A 191 -21.64 -1.12 11.75
N THR A 192 -21.58 -1.77 10.58
CA THR A 192 -20.53 -1.52 9.60
C THR A 192 -21.14 -1.33 8.22
N GLN A 193 -20.75 -0.25 7.51
CA GLN A 193 -21.15 -0.06 6.12
C GLN A 193 -20.29 -0.94 5.22
N SER A 194 -20.93 -1.68 4.31
CA SER A 194 -20.18 -2.54 3.39
C SER A 194 -20.69 -2.34 1.96
N ALA A 195 -19.88 -2.82 1.00
CA ALA A 195 -20.14 -2.72 -0.42
C ALA A 195 -19.36 -3.84 -1.11
N ILE A 196 -20.06 -4.58 -1.99
CA ILE A 196 -19.45 -5.62 -2.80
C ILE A 196 -19.44 -5.11 -4.24
N LEU A 197 -18.23 -5.03 -4.82
CA LEU A 197 -18.03 -4.65 -6.21
C LEU A 197 -18.02 -5.93 -7.04
N ASP A 198 -18.86 -5.97 -8.09
CA ASP A 198 -18.87 -7.08 -9.04
C ASP A 198 -17.85 -6.76 -10.13
N LEU A 199 -16.76 -7.55 -10.18
CA LEU A 199 -15.64 -7.22 -11.04
C LEU A 199 -15.94 -7.44 -12.52
N ASN A 200 -17.03 -8.17 -12.82
CA ASN A 200 -17.44 -8.51 -14.18
C ASN A 200 -18.17 -7.33 -14.82
N THR A 201 -19.06 -6.68 -14.05
CA THR A 201 -20.04 -5.76 -14.57
C THR A 201 -19.78 -4.34 -14.07
N GLY A 202 -18.94 -4.21 -13.05
CA GLY A 202 -18.65 -2.92 -12.44
C GLY A 202 -19.74 -2.48 -11.46
N ALA A 203 -20.73 -3.36 -11.20
CA ALA A 203 -21.80 -3.01 -10.27
C ALA A 203 -21.36 -3.14 -8.81
N VAL A 204 -21.93 -2.27 -7.94
CA VAL A 204 -21.64 -2.22 -6.50
C VAL A 204 -22.92 -2.41 -5.70
N SER A 205 -22.98 -3.41 -4.80
CA SER A 205 -24.07 -3.52 -3.84
C SER A 205 -23.61 -3.01 -2.48
N GLN A 206 -24.43 -2.16 -1.85
CA GLN A 206 -24.12 -1.57 -0.55
C GLN A 206 -24.96 -2.28 0.51
N ALA A 207 -24.35 -2.69 1.64
CA ALA A 207 -25.12 -3.30 2.71
C ALA A 207 -24.60 -2.83 4.07
N GLU A 208 -25.51 -2.25 4.86
CA GLU A 208 -25.24 -2.02 6.26
C GLU A 208 -25.33 -3.34 7.04
N VAL A 209 -24.30 -3.68 7.80
CA VAL A 209 -24.24 -4.92 8.57
C VAL A 209 -24.42 -4.62 10.06
N ALA A 210 -25.60 -4.92 10.61
CA ALA A 210 -25.95 -4.60 11.99
C ALA A 210 -26.26 -5.85 12.81
N ASN A 211 -26.30 -7.03 12.16
CA ASN A 211 -26.86 -8.23 12.78
C ASN A 211 -25.88 -8.86 13.78
N THR A 212 -24.60 -8.46 13.75
CA THR A 212 -23.58 -9.09 14.58
C THR A 212 -23.08 -8.14 15.67
N GLY A 213 -23.69 -6.95 15.78
CA GLY A 213 -23.32 -5.95 16.78
C GLY A 213 -21.85 -5.54 16.74
N HIS A 214 -21.29 -5.33 15.54
CA HIS A 214 -19.86 -5.17 15.36
C HIS A 214 -19.61 -4.07 14.34
N ASP A 215 -18.99 -2.99 14.80
CA ASP A 215 -18.30 -2.05 13.92
C ASP A 215 -16.88 -2.57 13.72
N MET A 216 -16.63 -3.02 12.49
CA MET A 216 -15.47 -3.84 12.13
C MET A 216 -14.38 -2.96 11.54
N PHE A 217 -14.39 -1.65 11.86
CA PHE A 217 -13.28 -0.77 11.54
C PHE A 217 -12.09 -1.10 12.46
N CYS A 218 -10.86 -1.19 11.88
CA CYS A 218 -9.61 -1.37 12.62
C CYS A 218 -9.44 -2.78 13.22
N PRO A 219 -9.84 -3.89 12.54
CA PRO A 219 -9.73 -5.23 13.10
C PRO A 219 -8.54 -6.05 12.57
N GLY A 220 -8.52 -7.33 12.95
CA GLY A 220 -7.74 -8.37 12.29
C GLY A 220 -8.64 -9.21 11.39
N THR A 221 -8.09 -9.65 10.26
CA THR A 221 -8.84 -10.38 9.24
C THR A 221 -8.05 -11.62 8.82
N SER A 222 -8.75 -12.71 8.49
CA SER A 222 -8.13 -13.80 7.72
C SER A 222 -9.18 -14.70 7.05
N LEU A 223 -8.71 -15.53 6.10
CA LEU A 223 -9.52 -16.47 5.35
C LEU A 223 -9.43 -17.86 5.99
N LEU A 224 -10.62 -18.44 6.27
CA LEU A 224 -10.76 -19.74 6.91
C LEU A 224 -10.79 -20.85 5.85
N PRO A 225 -10.42 -22.09 6.24
CA PRO A 225 -10.36 -23.24 5.32
C PRO A 225 -11.68 -23.49 4.59
N ASP A 226 -12.80 -23.29 5.29
CA ASP A 226 -14.12 -23.58 4.78
C ASP A 226 -14.63 -22.48 3.84
N GLY A 227 -13.87 -21.40 3.66
CA GLY A 227 -14.28 -20.37 2.71
C GLY A 227 -14.69 -19.05 3.37
N ARG A 228 -15.03 -19.12 4.66
CA ARG A 228 -15.46 -17.94 5.37
C ARG A 228 -14.28 -17.03 5.70
N ILE A 229 -14.65 -15.79 6.05
CA ILE A 229 -13.72 -14.74 6.46
C ILE A 229 -14.06 -14.36 7.92
N LEU A 230 -13.07 -14.55 8.80
CA LEU A 230 -13.18 -14.17 10.20
C LEU A 230 -12.61 -12.77 10.42
N VAL A 231 -13.40 -11.92 11.11
CA VAL A 231 -13.06 -10.53 11.39
C VAL A 231 -13.27 -10.29 12.89
N SER A 232 -12.19 -9.92 13.61
CA SER A 232 -12.31 -9.74 15.05
C SER A 232 -11.69 -8.42 15.50
N GLY A 233 -12.32 -7.84 16.53
CA GLY A 233 -11.82 -6.62 17.14
C GLY A 233 -12.20 -5.40 16.30
N GLY A 234 -11.56 -4.26 16.59
CA GLY A 234 -11.86 -3.00 15.94
C GLY A 234 -12.65 -2.11 16.89
N SER A 235 -13.48 -1.24 16.32
CA SER A 235 -14.31 -0.33 17.09
C SER A 235 -15.14 -1.07 18.16
N ASN A 236 -15.74 -2.22 17.84
CA ASN A 236 -16.23 -3.15 18.85
C ASN A 236 -15.15 -4.19 19.14
N SER A 237 -14.32 -3.92 20.14
CA SER A 237 -12.99 -4.51 20.24
C SER A 237 -13.05 -5.99 20.64
N GLU A 238 -14.13 -6.41 21.29
CA GLU A 238 -14.25 -7.81 21.70
C GLU A 238 -14.93 -8.73 20.66
N LYS A 239 -15.63 -8.19 19.63
CA LYS A 239 -16.46 -8.99 18.74
C LYS A 239 -15.67 -9.81 17.71
N THR A 240 -16.33 -10.90 17.28
CA THR A 240 -15.99 -11.70 16.12
C THR A 240 -17.24 -11.82 15.25
N SER A 241 -17.03 -11.59 13.94
CA SER A 241 -18.00 -11.71 12.87
C SER A 241 -17.39 -12.58 11.76
N LEU A 242 -18.20 -13.44 11.15
CA LEU A 242 -17.69 -14.26 10.07
C LEU A 242 -18.51 -14.01 8.82
N PHE A 243 -17.84 -13.77 7.69
CA PHE A 243 -18.55 -13.57 6.44
C PHE A 243 -18.56 -14.85 5.60
N SER A 244 -19.74 -15.25 5.15
N SER A 244 -19.76 -15.26 5.18
CA SER A 244 -19.92 -16.42 4.30
CA SER A 244 -19.93 -16.40 4.29
C SER A 244 -20.19 -15.98 2.86
C SER A 244 -20.18 -15.92 2.86
N PRO A 245 -19.31 -16.27 1.88
CA PRO A 245 -19.54 -15.90 0.47
C PRO A 245 -20.65 -16.69 -0.26
N ALA A 246 -21.13 -17.78 0.34
CA ALA A 246 -22.30 -18.47 -0.19
C ALA A 246 -23.57 -17.62 -0.03
N THR A 247 -23.75 -16.99 1.15
CA THR A 247 -24.97 -16.30 1.52
C THR A 247 -24.79 -14.80 1.35
N ASN A 248 -23.52 -14.35 1.28
CA ASN A 248 -23.15 -12.94 1.31
C ASN A 248 -23.66 -12.21 2.56
N THR A 249 -23.72 -12.93 3.70
CA THR A 249 -24.14 -12.29 4.93
C THR A 249 -23.13 -12.64 6.01
N TRP A 250 -23.26 -11.99 7.17
CA TRP A 250 -22.36 -12.11 8.30
C TRP A 250 -23.01 -12.94 9.40
N ALA A 251 -22.20 -13.65 10.19
CA ALA A 251 -22.76 -14.36 11.35
C ALA A 251 -21.91 -14.06 12.59
N PRO A 252 -22.57 -13.90 13.75
CA PRO A 252 -21.85 -13.56 14.98
C PRO A 252 -20.92 -14.72 15.30
N GLY A 253 -19.72 -14.39 15.78
CA GLY A 253 -18.77 -15.36 16.32
C GLY A 253 -18.62 -15.13 17.82
N PRO A 254 -17.80 -15.91 18.55
CA PRO A 254 -17.65 -15.69 19.99
C PRO A 254 -16.63 -14.56 20.25
N ASP A 255 -16.74 -13.94 21.43
CA ASP A 255 -15.83 -12.88 21.85
C ASP A 255 -14.44 -13.43 22.13
N MET A 256 -13.43 -12.60 21.84
CA MET A 256 -12.04 -12.76 22.22
C MET A 256 -11.92 -12.56 23.74
N ASN A 257 -10.86 -13.12 24.34
CA ASN A 257 -10.60 -13.02 25.77
C ASN A 257 -10.26 -11.59 26.15
N VAL A 258 -9.64 -10.83 25.24
CA VAL A 258 -9.42 -9.41 25.44
C VAL A 258 -9.67 -8.72 24.11
N GLY A 259 -10.37 -7.58 24.18
CA GLY A 259 -10.62 -6.75 23.01
C GLY A 259 -9.32 -6.18 22.46
N ARG A 260 -9.31 -5.91 21.16
CA ARG A 260 -8.13 -5.38 20.51
C ARG A 260 -8.56 -4.69 19.22
N GLY A 261 -7.66 -3.83 18.74
CA GLY A 261 -7.73 -3.13 17.48
C GLY A 261 -6.34 -2.84 16.92
N TYR A 262 -6.24 -2.95 15.60
CA TYR A 262 -5.00 -2.74 14.87
C TYR A 262 -4.07 -3.93 15.11
N GLN A 263 -4.64 -5.07 15.51
CA GLN A 263 -3.87 -6.27 15.69
C GLN A 263 -3.73 -7.01 14.36
N SER A 264 -3.11 -8.18 14.44
CA SER A 264 -2.86 -9.04 13.30
C SER A 264 -3.47 -10.42 13.57
N ASN A 265 -4.25 -10.93 12.62
CA ASN A 265 -4.83 -12.27 12.70
C ASN A 265 -4.26 -13.11 11.56
N VAL A 266 -4.00 -14.40 11.85
CA VAL A 266 -3.37 -15.26 10.86
C VAL A 266 -3.91 -16.67 11.02
N THR A 267 -4.49 -17.20 9.92
CA THR A 267 -4.96 -18.57 9.82
C THR A 267 -3.76 -19.50 9.85
N THR A 268 -3.81 -20.52 10.72
CA THR A 268 -2.69 -21.42 10.93
C THR A 268 -2.89 -22.70 10.12
N SER A 269 -1.87 -23.57 10.12
CA SER A 269 -1.88 -24.84 9.39
C SER A 269 -3.07 -25.70 9.75
N THR A 270 -3.63 -25.53 10.96
CA THR A 270 -4.79 -26.32 11.36
C THR A 270 -6.08 -25.58 11.05
N GLY A 271 -6.01 -24.38 10.48
CA GLY A 271 -7.25 -23.65 10.23
C GLY A 271 -7.79 -22.95 11.49
N GLU A 272 -7.00 -22.94 12.55
CA GLU A 272 -7.25 -22.07 13.67
C GLU A 272 -6.76 -20.66 13.34
N VAL A 273 -7.22 -19.66 14.11
CA VAL A 273 -6.76 -18.30 13.86
C VAL A 273 -5.99 -17.79 15.08
N PHE A 274 -4.71 -17.47 14.85
CA PHE A 274 -3.86 -16.85 15.86
C PHE A 274 -3.94 -15.33 15.74
N THR A 275 -3.90 -14.66 16.92
CA THR A 275 -3.94 -13.20 17.02
C THR A 275 -2.97 -12.71 18.10
N LEU A 276 -2.33 -11.58 17.80
CA LEU A 276 -1.41 -10.96 18.74
C LEU A 276 -1.45 -9.44 18.59
N GLY A 277 -1.41 -8.72 19.73
CA GLY A 277 -1.25 -7.26 19.78
C GLY A 277 -2.56 -6.47 19.71
N GLY A 278 -2.47 -5.23 19.22
CA GLY A 278 -3.64 -4.42 18.93
C GLY A 278 -4.15 -3.64 20.13
N SER A 279 -3.46 -2.52 20.46
CA SER A 279 -3.88 -1.65 21.56
C SER A 279 -4.66 -0.45 21.05
N TRP A 280 -5.03 -0.41 19.76
CA TRP A 280 -5.79 0.72 19.27
C TRP A 280 -7.14 0.84 19.99
N SER A 281 -7.74 -0.31 20.34
CA SER A 281 -9.02 -0.41 21.03
C SER A 281 -8.95 -1.48 22.12
N GLY A 282 -9.91 -1.42 23.06
CA GLY A 282 -10.07 -2.46 24.06
C GLY A 282 -9.10 -2.32 25.22
N GLY A 283 -8.39 -1.20 25.32
CA GLY A 283 -7.41 -1.00 26.39
C GLY A 283 -5.98 -0.87 25.86
N LEU A 284 -5.09 -0.35 26.71
CA LEU A 284 -3.66 -0.22 26.46
C LEU A 284 -2.92 -1.41 27.04
N GLY A 285 -2.12 -2.08 26.20
CA GLY A 285 -1.16 -3.07 26.67
C GLY A 285 -1.79 -4.42 27.00
N SER A 286 -0.92 -5.41 27.24
CA SER A 286 -1.20 -6.79 27.65
C SER A 286 -2.01 -7.54 26.60
N LYS A 287 -1.79 -7.21 25.32
CA LYS A 287 -2.51 -7.80 24.22
C LYS A 287 -1.72 -9.00 23.72
N HIS A 288 -1.67 -10.02 24.60
CA HIS A 288 -0.92 -11.25 24.45
C HIS A 288 -1.62 -12.16 23.44
N GLY A 289 -1.04 -13.32 23.18
CA GLY A 289 -1.56 -14.20 22.15
C GLY A 289 -2.85 -14.89 22.56
N GLU A 290 -3.72 -15.12 21.57
CA GLU A 290 -4.91 -15.94 21.64
C GLU A 290 -4.97 -16.76 20.35
N ILE A 291 -5.80 -17.80 20.33
CA ILE A 291 -6.03 -18.55 19.10
C ILE A 291 -7.48 -19.01 19.11
N TRP A 292 -8.09 -18.97 17.92
CA TRP A 292 -9.48 -19.32 17.75
C TRP A 292 -9.59 -20.68 17.08
N SER A 293 -10.50 -21.53 17.58
CA SER A 293 -10.95 -22.66 16.80
C SER A 293 -12.47 -22.62 16.69
N SER A 294 -13.00 -23.30 15.67
CA SER A 294 -14.44 -23.23 15.50
C SER A 294 -15.16 -24.03 16.58
N THR A 295 -14.51 -25.04 17.18
CA THR A 295 -15.19 -25.84 18.18
C THR A 295 -15.07 -25.23 19.56
N GLY A 296 -13.99 -24.48 19.83
CA GLY A 296 -13.73 -24.04 21.20
C GLY A 296 -13.71 -22.52 21.39
N GLY A 297 -13.84 -21.75 20.31
CA GLY A 297 -13.70 -20.31 20.36
C GLY A 297 -12.26 -19.88 20.61
N TRP A 298 -12.10 -18.70 21.22
CA TRP A 298 -10.81 -18.13 21.53
C TRP A 298 -10.25 -18.69 22.83
N ARG A 299 -9.07 -19.34 22.77
CA ARG A 299 -8.34 -19.69 23.98
C ARG A 299 -7.08 -18.85 24.15
N PRO A 300 -6.71 -18.50 25.41
CA PRO A 300 -5.51 -17.71 25.68
C PRO A 300 -4.22 -18.48 25.45
N LEU A 301 -3.17 -17.75 25.02
CA LEU A 301 -1.81 -18.28 24.96
C LEU A 301 -0.96 -17.37 25.86
N PRO A 302 -1.07 -17.52 27.21
CA PRO A 302 -0.38 -16.60 28.12
C PRO A 302 1.15 -16.67 27.99
N ASP A 303 1.67 -17.74 27.38
CA ASP A 303 3.10 -17.88 27.15
C ASP A 303 3.48 -17.44 25.75
N VAL A 304 2.60 -16.63 25.12
CA VAL A 304 2.93 -15.83 23.95
C VAL A 304 2.76 -14.36 24.31
N PRO A 305 3.72 -13.72 25.02
CA PRO A 305 3.54 -12.34 25.46
C PRO A 305 3.86 -11.38 24.32
N VAL A 306 3.15 -10.25 24.34
CA VAL A 306 3.26 -9.22 23.31
C VAL A 306 4.66 -8.58 23.28
N ASP A 307 5.37 -8.59 24.41
CA ASP A 307 6.63 -7.88 24.59
C ASP A 307 7.59 -8.11 23.43
N SER A 308 7.54 -9.31 22.85
CA SER A 308 8.48 -9.71 21.80
C SER A 308 8.25 -8.96 20.48
N ILE A 309 7.04 -8.43 20.27
CA ILE A 309 6.70 -7.85 18.98
C ILE A 309 6.73 -6.32 19.05
N LEU A 310 6.91 -5.75 20.25
CA LEU A 310 6.77 -4.31 20.44
C LEU A 310 7.89 -3.54 19.73
N THR A 311 7.53 -2.52 18.96
CA THR A 311 8.52 -1.62 18.40
C THR A 311 8.93 -0.58 19.45
N ASP A 312 9.81 0.36 19.09
CA ASP A 312 10.17 1.41 20.03
C ASP A 312 9.40 2.68 19.70
N ASP A 313 8.11 2.52 19.37
CA ASP A 313 7.30 3.63 18.90
C ASP A 313 7.26 4.72 19.97
N PRO A 314 7.41 6.00 19.58
CA PRO A 314 7.25 7.11 20.53
C PRO A 314 5.87 7.18 21.20
N GLY A 315 4.86 6.57 20.57
CA GLY A 315 3.50 6.56 21.10
C GLY A 315 3.25 5.44 22.11
N GLY A 316 4.28 4.64 22.36
CA GLY A 316 4.18 3.51 23.26
C GLY A 316 3.31 2.38 22.71
N GLU A 317 2.74 1.64 23.66
CA GLU A 317 2.02 0.40 23.34
C GLU A 317 0.76 0.66 22.52
N PHE A 318 0.21 1.87 22.57
CA PHE A 318 -0.90 2.24 21.70
C PHE A 318 -0.57 1.92 20.23
N ARG A 319 0.70 2.13 19.83
CA ARG A 319 1.11 1.95 18.45
C ARG A 319 2.03 0.74 18.30
N SER A 320 2.79 0.44 19.35
CA SER A 320 3.99 -0.37 19.17
C SER A 320 3.64 -1.84 18.96
N ASP A 321 2.40 -2.23 19.30
CA ASP A 321 1.87 -3.58 19.10
C ASP A 321 0.97 -3.68 17.85
N ASN A 322 0.95 -2.64 16.99
CA ASN A 322 0.07 -2.62 15.83
C ASN A 322 0.64 -3.48 14.71
N HIS A 323 -0.28 -4.07 13.92
CA HIS A 323 -0.06 -4.56 12.56
C HIS A 323 1.17 -5.47 12.44
N ALA A 324 1.28 -6.50 13.26
CA ALA A 324 2.44 -7.41 13.16
C ALA A 324 2.46 -8.14 11.82
N TRP A 325 3.69 -8.46 11.36
CA TRP A 325 3.87 -9.16 10.10
C TRP A 325 3.88 -10.66 10.41
N LEU A 326 2.70 -11.30 10.40
CA LEU A 326 2.58 -12.68 10.87
C LEU A 326 2.41 -13.63 9.68
N PHE A 327 3.03 -14.83 9.75
CA PHE A 327 3.03 -15.79 8.65
C PHE A 327 2.92 -17.22 9.19
N SER A 328 2.12 -18.06 8.52
CA SER A 328 2.16 -19.49 8.77
C SER A 328 3.45 -20.04 8.16
N ALA A 329 4.11 -20.94 8.91
CA ALA A 329 5.41 -21.47 8.47
C ALA A 329 5.39 -23.01 8.49
N ALA A 330 6.31 -23.63 7.74
CA ALA A 330 6.41 -25.10 7.68
C ALA A 330 6.27 -25.68 9.08
N GLY A 331 5.57 -26.81 9.23
CA GLY A 331 5.53 -27.45 10.54
C GLY A 331 4.38 -26.99 11.41
N GLY A 332 3.69 -25.92 11.04
CA GLY A 332 2.55 -25.47 11.82
C GLY A 332 2.87 -24.27 12.71
N ARG A 333 4.12 -23.80 12.64
CA ARG A 333 4.60 -22.65 13.39
C ARG A 333 4.05 -21.33 12.83
N VAL A 334 4.22 -20.25 13.61
CA VAL A 334 3.96 -18.91 13.12
C VAL A 334 5.28 -18.14 13.14
N PHE A 335 5.55 -17.34 12.10
CA PHE A 335 6.75 -16.51 12.06
C PHE A 335 6.35 -15.05 12.17
N HIS A 336 7.04 -14.34 13.05
CA HIS A 336 6.90 -12.91 13.18
C HIS A 336 8.13 -12.25 12.52
N ALA A 337 7.88 -11.48 11.45
CA ALA A 337 8.93 -10.87 10.63
C ALA A 337 9.17 -9.40 11.01
N GLY A 338 8.22 -8.77 11.74
CA GLY A 338 8.26 -7.34 11.99
C GLY A 338 6.88 -6.81 12.33
N PRO A 339 6.61 -5.48 12.31
CA PRO A 339 7.60 -4.45 11.96
C PRO A 339 8.78 -4.15 12.91
N SER A 340 8.70 -4.61 14.16
CA SER A 340 9.82 -4.50 15.08
C SER A 340 11.09 -5.07 14.47
N ARG A 341 12.24 -4.57 14.95
CA ARG A 341 13.55 -5.01 14.50
C ARG A 341 13.72 -6.48 14.84
N GLU A 342 13.12 -6.87 15.97
CA GLU A 342 13.13 -8.21 16.53
C GLU A 342 12.06 -9.09 15.86
N MET A 343 12.52 -10.25 15.38
CA MET A 343 11.72 -11.27 14.73
C MET A 343 11.60 -12.48 15.67
N ASN A 344 10.51 -13.25 15.52
CA ASN A 344 10.27 -14.34 16.45
C ASN A 344 9.67 -15.57 15.75
N TRP A 345 9.90 -16.75 16.35
CA TRP A 345 9.16 -17.96 16.05
C TRP A 345 8.11 -18.19 17.13
N ILE A 346 6.85 -18.35 16.71
CA ILE A 346 5.76 -18.56 17.65
C ILE A 346 5.18 -19.97 17.46
N SER A 347 4.99 -20.65 18.59
CA SER A 347 4.31 -21.93 18.62
C SER A 347 2.99 -21.78 19.37
N THR A 348 1.97 -22.51 18.91
CA THR A 348 0.61 -22.33 19.42
C THR A 348 0.12 -23.48 20.30
N ALA A 349 0.89 -24.58 20.40
CA ALA A 349 0.55 -25.71 21.25
C ALA A 349 0.54 -25.29 22.72
N GLY A 350 -0.41 -25.84 23.49
CA GLY A 350 -0.47 -25.61 24.93
C GLY A 350 -0.78 -24.15 25.25
N THR A 351 0.02 -23.57 26.16
CA THR A 351 -0.04 -22.17 26.50
C THR A 351 0.80 -21.33 25.52
N GLY A 352 1.47 -21.98 24.55
CA GLY A 352 2.23 -21.28 23.52
C GLY A 352 3.69 -21.02 23.92
N SER A 353 4.50 -20.52 22.97
CA SER A 353 5.85 -20.06 23.30
C SER A 353 6.43 -19.24 22.15
N VAL A 354 7.37 -18.36 22.51
CA VAL A 354 8.06 -17.47 21.60
C VAL A 354 9.55 -17.81 21.66
N THR A 355 10.19 -17.96 20.49
CA THR A 355 11.63 -18.07 20.39
C THR A 355 12.13 -16.96 19.47
N SER A 356 13.18 -16.25 19.91
CA SER A 356 13.78 -15.20 19.13
C SER A 356 14.38 -15.74 17.83
N ALA A 357 14.15 -14.97 16.75
CA ALA A 357 14.69 -15.26 15.43
C ALA A 357 15.84 -14.29 15.10
N GLY A 358 16.27 -13.48 16.09
CA GLY A 358 17.31 -12.49 15.83
C GLY A 358 16.70 -11.29 15.10
N THR A 359 17.50 -10.26 14.79
CA THR A 359 16.92 -9.08 14.16
C THR A 359 16.80 -9.29 12.64
N ARG A 360 16.09 -8.34 11.99
CA ARG A 360 15.95 -8.26 10.54
C ARG A 360 17.12 -7.46 9.96
N ALA A 361 18.28 -8.12 9.89
CA ALA A 361 19.55 -7.49 9.54
C ALA A 361 19.73 -6.20 10.35
N ASP A 362 20.02 -5.09 9.64
CA ASP A 362 20.17 -3.80 10.29
C ASP A 362 18.95 -2.89 10.07
N SER A 363 17.79 -3.44 9.64
CA SER A 363 16.59 -2.63 9.56
C SER A 363 16.27 -1.91 10.89
N ALA A 364 15.78 -0.66 10.80
CA ALA A 364 15.08 0.01 11.90
C ALA A 364 13.66 -0.55 12.00
N ASP A 365 12.92 -0.20 13.07
CA ASP A 365 11.49 -0.55 13.10
C ASP A 365 10.82 -0.07 11.81
N ALA A 366 9.85 -0.84 11.30
CA ALA A 366 9.26 -0.56 10.01
C ALA A 366 7.73 -0.57 10.09
N MET A 367 7.18 0.15 11.09
CA MET A 367 5.75 0.28 11.29
C MET A 367 5.05 0.80 10.03
N ASN A 368 3.96 0.12 9.62
CA ASN A 368 3.17 0.42 8.43
C ASN A 368 3.94 0.13 7.14
N GLY A 369 4.98 -0.72 7.22
CA GLY A 369 5.62 -1.31 6.05
C GLY A 369 4.89 -2.58 5.59
N ASN A 370 5.39 -3.24 4.53
CA ASN A 370 4.75 -4.45 4.04
C ASN A 370 5.70 -5.65 4.11
N ALA A 371 5.12 -6.83 4.36
CA ALA A 371 5.79 -8.13 4.24
C ALA A 371 4.94 -9.05 3.35
N VAL A 372 5.57 -9.66 2.34
CA VAL A 372 4.86 -10.35 1.26
C VAL A 372 5.59 -11.66 0.98
N MET A 373 4.83 -12.76 0.93
CA MET A 373 5.40 -14.08 0.69
C MET A 373 5.28 -14.45 -0.79
N TYR A 374 6.42 -14.41 -1.49
CA TYR A 374 6.43 -14.44 -2.95
C TYR A 374 6.78 -15.84 -3.47
N ASP A 375 7.16 -16.74 -2.56
CA ASP A 375 7.53 -18.11 -2.86
C ASP A 375 7.43 -18.90 -1.55
N VAL A 376 7.78 -20.19 -1.58
CA VAL A 376 7.78 -21.01 -0.38
C VAL A 376 8.89 -20.56 0.57
N GLY A 377 8.48 -20.15 1.77
CA GLY A 377 9.39 -19.71 2.84
C GLY A 377 10.20 -18.45 2.50
N LYS A 378 9.82 -17.70 1.45
CA LYS A 378 10.55 -16.51 1.03
C LYS A 378 9.65 -15.26 1.12
N ILE A 379 10.12 -14.24 1.86
CA ILE A 379 9.35 -13.05 2.15
C ILE A 379 10.12 -11.81 1.68
N LEU A 380 9.39 -10.81 1.16
CA LEU A 380 9.99 -9.51 0.90
C LEU A 380 9.31 -8.47 1.81
N THR A 381 10.14 -7.70 2.55
CA THR A 381 9.72 -6.60 3.41
C THR A 381 10.15 -5.27 2.78
N MET A 382 9.34 -4.21 2.92
CA MET A 382 9.73 -2.95 2.32
C MET A 382 8.92 -1.78 2.91
N GLY A 383 9.58 -0.61 2.97
CA GLY A 383 8.93 0.62 3.39
C GLY A 383 8.72 0.62 4.91
N GLY A 384 7.78 1.46 5.37
CA GLY A 384 7.53 1.63 6.79
C GLY A 384 8.26 2.85 7.33
N ALA A 385 8.03 3.16 8.62
CA ALA A 385 8.71 4.23 9.33
C ALA A 385 9.00 3.80 10.78
N PRO A 386 10.07 4.28 11.44
CA PRO A 386 10.33 3.84 12.82
C PRO A 386 9.16 4.19 13.75
N GLY A 387 8.31 5.12 13.30
CA GLY A 387 7.18 5.61 14.08
C GLY A 387 5.87 5.54 13.29
N TYR A 388 4.73 5.45 14.03
CA TYR A 388 3.41 5.40 13.42
C TYR A 388 3.04 6.80 12.93
N ASP A 389 3.43 7.83 13.71
CA ASP A 389 2.93 9.18 13.59
C ASP A 389 4.07 10.16 13.36
N ASN A 390 3.90 11.08 12.40
CA ASN A 390 4.87 12.14 12.12
C ASN A 390 6.29 11.55 12.02
N SER A 391 6.48 10.59 11.12
CA SER A 391 7.73 9.84 11.09
C SER A 391 8.23 9.62 9.66
N ASP A 392 9.54 9.82 9.43
CA ASP A 392 10.12 9.66 8.11
C ASP A 392 10.09 8.20 7.65
N ALA A 393 9.50 7.95 6.46
CA ALA A 393 9.47 6.60 5.93
C ALA A 393 10.81 6.27 5.28
N THR A 394 11.06 4.97 5.12
CA THR A 394 12.26 4.39 4.51
C THR A 394 11.94 3.81 3.13
N ALA A 395 12.98 3.70 2.29
CA ALA A 395 12.90 3.07 0.98
C ALA A 395 13.49 1.66 1.02
N ARG A 396 14.07 1.28 2.17
CA ARG A 396 14.82 0.03 2.32
C ARG A 396 13.90 -1.16 2.12
N ALA A 397 14.45 -2.25 1.55
CA ALA A 397 13.78 -3.52 1.41
C ALA A 397 14.72 -4.63 1.89
N TYR A 398 14.17 -5.62 2.60
CA TYR A 398 14.95 -6.74 3.10
C TYR A 398 14.22 -8.04 2.74
N THR A 399 14.96 -9.03 2.22
CA THR A 399 14.45 -10.37 2.01
C THR A 399 14.74 -11.24 3.24
N ILE A 400 13.84 -12.20 3.51
CA ILE A 400 13.97 -13.13 4.61
C ILE A 400 13.68 -14.54 4.09
N ASP A 401 14.61 -15.46 4.30
CA ASP A 401 14.39 -16.84 3.91
C ASP A 401 14.27 -17.70 5.16
N ILE A 402 13.12 -18.37 5.30
CA ILE A 402 12.80 -19.12 6.50
C ILE A 402 12.73 -20.62 6.23
N ASN A 403 13.26 -21.06 5.09
CA ASN A 403 13.35 -22.50 4.81
C ASN A 403 14.53 -23.09 5.58
N ASN A 404 14.25 -24.00 6.51
CA ASN A 404 15.29 -24.62 7.32
C ASN A 404 16.30 -23.60 7.88
N GLY A 405 15.81 -22.50 8.44
CA GLY A 405 16.64 -21.45 9.02
C GLY A 405 15.96 -20.09 8.96
N VAL A 406 16.72 -19.02 9.27
CA VAL A 406 16.34 -17.64 9.02
C VAL A 406 17.53 -16.96 8.37
N ASP A 407 17.34 -16.41 7.18
CA ASP A 407 18.45 -15.77 6.47
C ASP A 407 17.95 -14.44 5.92
N VAL A 408 18.44 -13.34 6.49
CA VAL A 408 18.01 -12.01 6.11
C VAL A 408 19.11 -11.36 5.28
N ALA A 409 18.73 -10.70 4.17
CA ALA A 409 19.63 -9.85 3.40
C ALA A 409 18.89 -8.57 3.04
N ARG A 410 19.62 -7.45 2.93
CA ARG A 410 19.10 -6.19 2.39
C ARG A 410 19.08 -6.26 0.86
N THR A 411 17.95 -5.90 0.25
CA THR A 411 17.85 -5.88 -1.20
C THR A 411 17.88 -4.42 -1.67
N SER A 412 17.58 -4.20 -2.96
CA SER A 412 17.55 -2.85 -3.53
C SER A 412 16.58 -1.97 -2.76
N ASP A 413 16.96 -0.70 -2.57
CA ASP A 413 16.01 0.30 -2.14
C ASP A 413 14.97 0.49 -3.24
N MET A 414 13.75 0.89 -2.83
CA MET A 414 12.72 1.42 -3.70
C MET A 414 13.18 2.79 -4.20
N ALA A 415 12.65 3.24 -5.36
CA ALA A 415 12.96 4.56 -5.89
C ALA A 415 12.35 5.64 -5.00
N VAL A 416 11.28 5.30 -4.26
CA VAL A 416 10.69 6.24 -3.31
C VAL A 416 10.53 5.55 -1.96
N SER A 417 10.65 6.32 -0.88
CA SER A 417 10.33 5.89 0.47
C SER A 417 8.80 5.88 0.65
N ARG A 418 8.31 4.92 1.47
CA ARG A 418 6.88 4.70 1.64
C ARG A 418 6.56 4.23 3.05
N SER A 419 5.52 4.85 3.63
CA SER A 419 4.74 4.24 4.69
C SER A 419 3.26 4.35 4.32
N PHE A 420 2.46 3.36 4.76
CA PHE A 420 1.03 3.25 4.48
C PHE A 420 0.79 2.63 3.09
N ALA A 421 1.84 2.02 2.51
CA ALA A 421 1.69 1.41 1.22
C ALA A 421 1.12 0.00 1.41
N ASN A 422 0.77 -0.64 0.27
CA ASN A 422 0.35 -2.04 0.19
C ASN A 422 1.27 -2.84 -0.73
N GLY A 423 1.42 -4.13 -0.39
CA GLY A 423 2.20 -5.07 -1.19
C GLY A 423 1.32 -6.16 -1.76
N VAL A 424 1.65 -6.61 -2.98
CA VAL A 424 0.82 -7.59 -3.64
C VAL A 424 1.75 -8.59 -4.31
N ALA A 425 1.72 -9.85 -3.88
CA ALA A 425 2.40 -10.91 -4.63
C ALA A 425 1.68 -11.11 -5.96
N LEU A 426 2.42 -11.10 -7.08
CA LEU A 426 1.88 -11.39 -8.41
C LEU A 426 2.22 -12.82 -8.82
N PRO A 427 1.43 -13.50 -9.69
CA PRO A 427 1.72 -14.89 -10.10
C PRO A 427 3.06 -15.24 -10.75
N ASP A 428 3.76 -14.24 -11.30
CA ASP A 428 5.03 -14.49 -11.94
C ASP A 428 6.18 -14.47 -10.92
N GLY A 429 5.86 -14.20 -9.65
CA GLY A 429 6.88 -14.20 -8.60
C GLY A 429 7.27 -12.78 -8.21
N GLN A 430 6.94 -11.80 -9.06
CA GLN A 430 7.24 -10.42 -8.77
C GLN A 430 6.30 -9.86 -7.69
N VAL A 431 6.72 -8.76 -7.03
CA VAL A 431 5.94 -8.16 -5.95
C VAL A 431 5.68 -6.69 -6.29
N LEU A 432 4.41 -6.29 -6.27
CA LEU A 432 4.04 -4.91 -6.55
C LEU A 432 3.90 -4.13 -5.24
N VAL A 433 4.47 -2.93 -5.20
CA VAL A 433 4.25 -2.05 -4.07
C VAL A 433 3.48 -0.81 -4.54
N VAL A 434 2.45 -0.43 -3.78
CA VAL A 434 1.45 0.51 -4.24
C VAL A 434 1.14 1.48 -3.10
N GLY A 435 1.14 2.78 -3.43
CA GLY A 435 0.66 3.80 -2.51
C GLY A 435 1.74 4.18 -1.50
N GLY A 436 1.27 4.57 -0.31
CA GLY A 436 2.13 5.10 0.75
C GLY A 436 2.43 6.58 0.55
N GLN A 437 3.17 7.14 1.52
CA GLN A 437 3.66 8.52 1.46
C GLN A 437 5.06 8.58 2.04
N ALA A 438 5.74 9.73 1.81
CA ALA A 438 7.11 10.00 2.23
C ALA A 438 7.23 10.22 3.75
N HIS A 439 6.26 10.90 4.36
CA HIS A 439 6.28 11.17 5.80
C HIS A 439 4.93 10.78 6.40
N ALA A 440 4.94 9.81 7.33
CA ALA A 440 3.73 9.19 7.85
C ALA A 440 2.97 10.14 8.77
N VAL A 441 1.90 10.74 8.24
CA VAL A 441 0.94 11.41 9.09
C VAL A 441 -0.42 10.85 8.71
N PRO A 442 -1.03 9.94 9.51
CA PRO A 442 -2.34 9.38 9.18
C PRO A 442 -3.33 10.47 8.78
N PHE A 443 -4.08 10.20 7.69
CA PHE A 443 -5.18 11.03 7.21
C PHE A 443 -4.68 12.15 6.31
N THR A 444 -3.42 12.08 5.85
CA THR A 444 -2.94 13.07 4.88
C THR A 444 -2.62 12.40 3.54
N ASP A 445 -2.58 13.24 2.50
CA ASP A 445 -2.21 12.85 1.15
C ASP A 445 -0.86 13.48 0.76
N THR A 446 -0.29 14.32 1.63
CA THR A 446 0.99 14.95 1.40
C THR A 446 2.06 13.89 1.12
N GLY A 447 2.86 14.11 0.07
CA GLY A 447 3.99 13.26 -0.26
C GLY A 447 3.56 11.84 -0.64
N ALA A 448 2.29 11.67 -1.01
CA ALA A 448 1.79 10.43 -1.55
C ALA A 448 2.68 9.95 -2.70
N ARG A 449 3.03 8.66 -2.69
CA ARG A 449 3.75 8.06 -3.80
C ARG A 449 2.78 7.53 -4.85
N MET A 450 2.79 8.15 -6.06
CA MET A 450 1.78 7.95 -7.08
C MET A 450 2.14 6.83 -8.07
N ALA A 451 3.41 6.39 -8.09
CA ALA A 451 3.84 5.42 -9.09
C ALA A 451 4.21 4.10 -8.39
N PRO A 452 3.45 2.99 -8.62
CA PRO A 452 3.78 1.72 -7.97
C PRO A 452 5.16 1.25 -8.46
N GLU A 453 5.77 0.29 -7.74
CA GLU A 453 7.01 -0.28 -8.23
C GLU A 453 6.95 -1.80 -8.13
N LEU A 454 7.75 -2.45 -8.99
CA LEU A 454 7.65 -3.88 -9.14
C LEU A 454 9.03 -4.48 -8.91
N TRP A 455 9.09 -5.46 -7.99
CA TRP A 455 10.33 -6.12 -7.58
C TRP A 455 10.37 -7.51 -8.24
N ASN A 456 11.48 -7.76 -8.93
CA ASN A 456 11.72 -9.01 -9.65
C ASN A 456 12.75 -9.81 -8.86
N PRO A 457 12.40 -10.96 -8.22
CA PRO A 457 13.35 -11.72 -7.40
C PRO A 457 14.61 -12.14 -8.16
N ALA A 458 14.46 -12.31 -9.49
CA ALA A 458 15.50 -12.78 -10.39
C ALA A 458 16.67 -11.82 -10.39
N THR A 459 16.41 -10.52 -10.24
CA THR A 459 17.48 -9.53 -10.35
C THR A 459 17.49 -8.62 -9.12
N GLU A 460 16.43 -8.70 -8.31
CA GLU A 460 16.25 -7.90 -7.10
C GLU A 460 16.21 -6.41 -7.39
N GLU A 461 15.65 -6.03 -8.54
CA GLU A 461 15.52 -4.64 -8.89
C GLU A 461 14.05 -4.22 -8.81
N TRP A 462 13.84 -2.93 -8.55
CA TRP A 462 12.52 -2.33 -8.56
C TRP A 462 12.34 -1.55 -9.86
N THR A 463 11.18 -1.68 -10.53
CA THR A 463 10.89 -0.88 -11.71
C THR A 463 9.63 -0.05 -11.48
N ALA A 464 9.68 1.23 -11.84
CA ALA A 464 8.50 2.06 -11.66
C ALA A 464 7.46 1.72 -12.73
N MET A 465 6.19 1.72 -12.32
CA MET A 465 5.05 1.48 -13.16
C MET A 465 4.43 2.83 -13.51
N ALA A 466 3.56 2.85 -14.53
CA ALA A 466 2.72 4.00 -14.84
C ALA A 466 2.03 4.43 -13.55
N PRO A 467 1.92 5.75 -13.27
CA PRO A 467 1.31 6.23 -12.03
C PRO A 467 -0.22 6.21 -12.05
N MET A 468 -0.84 6.16 -10.87
CA MET A 468 -2.29 6.21 -10.70
C MET A 468 -2.73 7.67 -10.44
N ALA A 469 -4.04 7.88 -10.28
CA ALA A 469 -4.61 9.22 -10.37
C ALA A 469 -4.99 9.74 -8.98
N VAL A 470 -5.23 8.79 -8.06
CA VAL A 470 -5.66 9.12 -6.72
C VAL A 470 -4.57 8.72 -5.74
N PRO A 471 -4.19 9.61 -4.79
CA PRO A 471 -3.27 9.23 -3.72
C PRO A 471 -3.88 8.13 -2.84
N ARG A 472 -3.03 7.19 -2.39
CA ARG A 472 -3.46 6.06 -1.56
C ARG A 472 -2.55 5.97 -0.34
N THR A 473 -2.99 6.64 0.73
CA THR A 473 -2.16 6.70 1.93
C THR A 473 -2.87 5.91 3.00
N TYR A 474 -2.98 6.48 4.20
CA TYR A 474 -3.61 5.81 5.32
C TYR A 474 -5.03 5.40 4.94
N HIS A 475 -5.42 4.17 5.31
CA HIS A 475 -6.78 3.69 5.12
C HIS A 475 -7.05 3.32 3.66
N SER A 476 -5.96 3.13 2.89
CA SER A 476 -6.02 2.55 1.57
C SER A 476 -5.74 1.05 1.66
N VAL A 477 -6.15 0.32 0.59
CA VAL A 477 -5.97 -1.11 0.38
C VAL A 477 -5.54 -1.34 -1.09
N ALA A 478 -4.88 -2.49 -1.34
CA ALA A 478 -4.63 -3.06 -2.66
C ALA A 478 -4.53 -4.59 -2.56
N LEU A 479 -4.96 -5.33 -3.60
CA LEU A 479 -4.86 -6.79 -3.60
C LEU A 479 -5.05 -7.36 -5.01
N LEU A 480 -4.54 -8.59 -5.21
CA LEU A 480 -4.57 -9.30 -6.49
C LEU A 480 -6.00 -9.78 -6.81
N LEU A 481 -6.37 -9.64 -8.10
CA LEU A 481 -7.64 -10.15 -8.62
C LEU A 481 -7.38 -11.41 -9.44
N ALA A 482 -8.45 -12.16 -9.72
CA ALA A 482 -8.35 -13.46 -10.36
C ALA A 482 -7.98 -13.36 -11.84
N ASP A 483 -8.21 -12.20 -12.47
CA ASP A 483 -7.76 -11.98 -13.84
C ASP A 483 -6.31 -11.48 -13.89
N GLY A 484 -5.65 -11.36 -12.73
CA GLY A 484 -4.25 -10.98 -12.65
C GLY A 484 -4.04 -9.47 -12.55
N ARG A 485 -5.15 -8.70 -12.47
CA ARG A 485 -5.00 -7.27 -12.27
C ARG A 485 -5.00 -7.00 -10.76
N VAL A 486 -4.73 -5.73 -10.38
CA VAL A 486 -4.59 -5.33 -9.00
C VAL A 486 -5.56 -4.18 -8.74
N PHE A 487 -6.42 -4.34 -7.73
CA PHE A 487 -7.31 -3.30 -7.25
C PHE A 487 -6.56 -2.47 -6.22
N VAL A 488 -6.77 -1.15 -6.28
CA VAL A 488 -6.28 -0.18 -5.34
C VAL A 488 -7.45 0.73 -4.98
N GLY A 489 -7.67 0.98 -3.68
CA GLY A 489 -8.77 1.82 -3.27
C GLY A 489 -8.58 2.42 -1.87
N GLY A 490 -9.54 3.27 -1.50
CA GLY A 490 -9.56 3.79 -0.15
C GLY A 490 -8.59 4.97 0.05
N GLY A 491 -8.37 5.30 1.33
CA GLY A 491 -7.66 6.51 1.74
C GLY A 491 -8.57 7.47 2.50
N GLY A 492 -8.14 7.88 3.71
CA GLY A 492 -8.82 8.91 4.47
C GLY A 492 -9.72 8.35 5.56
N LEU A 493 -11.03 8.51 5.36
CA LEU A 493 -12.05 8.15 6.33
C LEU A 493 -11.87 9.05 7.55
N CYS A 494 -12.04 10.36 7.31
CA CYS A 494 -11.81 11.35 8.35
C CYS A 494 -12.90 12.41 8.34
N GLY A 495 -14.15 12.03 8.01
CA GLY A 495 -15.29 12.89 8.29
C GLY A 495 -15.30 14.12 7.39
N THR A 496 -15.28 15.32 8.00
CA THR A 496 -15.35 16.57 7.25
C THR A 496 -14.01 16.94 6.60
N CYS A 497 -13.00 16.06 6.72
CA CYS A 497 -11.70 16.27 6.09
C CYS A 497 -11.86 16.27 4.57
N THR A 498 -10.84 16.79 3.88
CA THR A 498 -10.91 16.88 2.43
C THR A 498 -10.05 15.79 1.78
N THR A 499 -9.75 14.70 2.50
CA THR A 499 -8.93 13.65 1.90
C THR A 499 -9.64 12.29 1.86
N ASN A 500 -10.97 12.26 1.85
CA ASN A 500 -11.67 10.99 1.67
C ASN A 500 -11.63 10.54 0.21
N HIS A 501 -11.29 9.27 -0.05
CA HIS A 501 -11.39 8.71 -1.40
C HIS A 501 -12.40 7.56 -1.40
N LEU A 502 -13.62 7.83 -1.89
CA LEU A 502 -14.69 6.85 -2.01
C LEU A 502 -14.62 6.23 -3.41
N ASP A 503 -13.46 5.65 -3.73
CA ASP A 503 -13.22 5.09 -5.05
C ASP A 503 -12.07 4.07 -4.98
N GLY A 504 -11.84 3.41 -6.12
CA GLY A 504 -10.63 2.66 -6.35
C GLY A 504 -10.16 2.86 -7.79
N GLU A 505 -9.00 2.30 -8.12
CA GLU A 505 -8.62 2.14 -9.50
C GLU A 505 -8.06 0.72 -9.62
N ILE A 506 -7.99 0.22 -10.85
CA ILE A 506 -7.51 -1.12 -11.11
C ILE A 506 -6.30 -1.03 -12.04
N PHE A 507 -5.17 -1.61 -11.60
CA PHE A 507 -3.90 -1.66 -12.32
C PHE A 507 -3.79 -2.93 -13.14
N THR A 508 -3.53 -2.75 -14.45
CA THR A 508 -3.18 -3.86 -15.33
C THR A 508 -1.65 -3.95 -15.37
N PRO A 509 -1.03 -4.98 -14.73
CA PRO A 509 0.43 -5.12 -14.72
C PRO A 509 1.03 -5.33 -16.11
N PRO A 510 2.32 -4.96 -16.31
CA PRO A 510 3.00 -5.14 -17.60
C PRO A 510 2.89 -6.51 -18.26
N TYR A 511 2.64 -7.56 -17.47
CA TYR A 511 2.65 -8.93 -18.00
C TYR A 511 1.43 -9.22 -18.89
N LEU A 512 0.46 -8.28 -18.96
CA LEU A 512 -0.72 -8.49 -19.77
C LEU A 512 -0.72 -7.65 -21.06
N LEU A 513 0.36 -6.92 -21.33
CA LEU A 513 0.35 -5.92 -22.40
C LEU A 513 1.41 -6.25 -23.45
N ASN A 514 1.08 -5.98 -24.71
CA ASN A 514 2.06 -6.00 -25.77
C ASN A 514 2.86 -4.71 -25.70
N ALA A 515 3.96 -4.66 -26.46
CA ALA A 515 4.81 -3.48 -26.55
C ALA A 515 3.99 -2.29 -27.08
N ASP A 516 2.97 -2.60 -27.91
CA ASP A 516 2.22 -1.56 -28.58
C ASP A 516 1.06 -1.08 -27.71
N GLY A 517 0.90 -1.68 -26.52
CA GLY A 517 -0.22 -1.37 -25.63
C GLY A 517 -1.50 -2.18 -25.94
N SER A 518 -1.48 -3.06 -26.95
CA SER A 518 -2.62 -3.95 -27.12
C SER A 518 -2.52 -5.09 -26.12
N ALA A 519 -3.67 -5.71 -25.81
CA ALA A 519 -3.77 -6.80 -24.84
C ALA A 519 -3.06 -8.05 -25.34
N ARG A 520 -2.29 -8.67 -24.46
CA ARG A 520 -1.51 -9.87 -24.77
C ARG A 520 -2.46 -11.07 -24.78
N THR A 521 -2.29 -11.94 -25.77
CA THR A 521 -2.99 -13.21 -25.78
C THR A 521 -2.55 -14.00 -24.56
N ARG A 522 -3.53 -14.52 -23.84
CA ARG A 522 -3.29 -15.19 -22.57
C ARG A 522 -3.50 -16.70 -22.72
N PRO A 523 -2.76 -17.53 -21.95
CA PRO A 523 -3.14 -18.94 -21.78
C PRO A 523 -4.51 -19.07 -21.11
N THR A 524 -5.15 -20.22 -21.28
CA THR A 524 -6.45 -20.41 -20.66
C THR A 524 -6.45 -21.76 -19.94
N ILE A 525 -7.12 -21.81 -18.80
CA ILE A 525 -7.36 -23.08 -18.11
C ILE A 525 -8.70 -23.60 -18.60
N VAL A 526 -8.70 -24.83 -19.11
CA VAL A 526 -9.91 -25.40 -19.69
C VAL A 526 -10.66 -26.24 -18.65
N ASP A 527 -9.92 -26.97 -17.80
CA ASP A 527 -10.51 -27.83 -16.79
C ASP A 527 -9.56 -27.93 -15.59
N ALA A 528 -10.13 -27.87 -14.38
CA ALA A 528 -9.38 -28.05 -13.14
C ALA A 528 -10.35 -28.37 -12.01
N PRO A 529 -9.89 -29.10 -10.96
CA PRO A 529 -10.72 -29.44 -9.79
C PRO A 529 -11.07 -28.18 -8.99
N ALA A 530 -12.28 -28.13 -8.43
CA ALA A 530 -12.70 -26.97 -7.64
C ALA A 530 -12.28 -27.09 -6.17
N THR A 531 -11.94 -28.31 -5.73
CA THR A 531 -11.47 -28.55 -4.37
C THR A 531 -10.25 -29.48 -4.46
N ALA A 532 -9.42 -29.46 -3.43
CA ALA A 532 -8.31 -30.39 -3.35
C ALA A 532 -7.74 -30.42 -1.93
N THR A 533 -6.84 -31.41 -1.73
CA THR A 533 -6.23 -31.72 -0.45
C THR A 533 -4.72 -31.48 -0.48
N ALA A 534 -4.20 -30.89 0.58
CA ALA A 534 -2.77 -30.76 0.65
C ALA A 534 -2.16 -32.14 0.37
N GLY A 535 -1.06 -32.17 -0.40
CA GLY A 535 -0.35 -33.40 -0.69
C GLY A 535 -0.92 -34.15 -1.90
N SER A 536 -2.06 -33.68 -2.44
CA SER A 536 -2.72 -34.32 -3.58
C SER A 536 -1.96 -34.05 -4.88
N LYS A 537 -2.04 -35.02 -5.80
CA LYS A 537 -1.81 -34.75 -7.21
C LYS A 537 -3.12 -34.33 -7.86
N ILE A 538 -3.07 -33.27 -8.66
CA ILE A 538 -4.28 -32.84 -9.33
C ILE A 538 -3.99 -32.73 -10.82
N SER A 539 -5.06 -32.78 -11.60
CA SER A 539 -4.96 -32.79 -13.04
C SER A 539 -5.56 -31.50 -13.59
N VAL A 540 -4.83 -30.86 -14.52
CA VAL A 540 -5.25 -29.58 -15.07
C VAL A 540 -5.13 -29.64 -16.60
N THR A 541 -6.18 -29.19 -17.31
CA THR A 541 -6.15 -29.05 -18.75
C THR A 541 -6.07 -27.58 -19.13
N THR A 542 -5.06 -27.24 -19.93
CA THR A 542 -4.93 -25.89 -20.45
C THR A 542 -5.25 -25.94 -21.94
N GLY A 543 -5.36 -24.77 -22.57
CA GLY A 543 -5.72 -24.68 -23.98
C GLY A 543 -4.48 -24.71 -24.88
N SER A 544 -3.30 -24.73 -24.26
CA SER A 544 -2.00 -24.82 -24.90
C SER A 544 -1.02 -25.47 -23.91
N LYS A 545 0.21 -25.76 -24.33
CA LYS A 545 1.12 -26.49 -23.45
C LYS A 545 1.73 -25.56 -22.40
N ILE A 546 1.47 -25.89 -21.14
CA ILE A 546 1.89 -25.10 -19.99
C ILE A 546 2.68 -26.01 -19.05
N SER A 547 3.71 -25.46 -18.41
CA SER A 547 4.49 -26.27 -17.48
C SER A 547 4.71 -25.52 -16.16
N LYS A 548 4.28 -24.27 -16.09
CA LYS A 548 4.38 -23.52 -14.84
C LYS A 548 3.02 -22.98 -14.42
N PHE A 549 2.64 -23.30 -13.17
CA PHE A 549 1.42 -22.77 -12.58
C PHE A 549 1.73 -22.06 -11.26
N SER A 550 0.84 -21.16 -10.84
CA SER A 550 0.98 -20.54 -9.52
C SER A 550 -0.28 -20.70 -8.71
N LEU A 551 -0.15 -21.26 -7.50
CA LEU A 551 -1.24 -21.19 -6.54
C LEU A 551 -1.05 -19.93 -5.73
N MET A 552 -2.06 -19.05 -5.75
CA MET A 552 -1.97 -17.76 -5.08
C MET A 552 -3.13 -17.72 -4.10
N ARG A 553 -2.83 -17.72 -2.81
CA ARG A 553 -3.86 -17.69 -1.80
C ARG A 553 -4.60 -16.35 -1.86
N MET A 554 -5.92 -16.38 -1.68
CA MET A 554 -6.73 -15.16 -1.81
C MET A 554 -6.51 -14.27 -0.57
N SER A 555 -6.80 -12.96 -0.73
CA SER A 555 -6.37 -11.95 0.23
C SER A 555 -7.52 -11.37 1.04
N SER A 556 -7.19 -11.00 2.30
CA SER A 556 -7.87 -9.94 3.03
C SER A 556 -6.84 -8.91 3.48
N VAL A 557 -7.24 -7.63 3.59
CA VAL A 557 -6.29 -6.55 3.77
C VAL A 557 -6.91 -5.33 4.47
N THR A 558 -6.18 -4.82 5.46
CA THR A 558 -6.51 -3.54 6.05
C THR A 558 -5.30 -2.97 6.81
N HIS A 559 -5.11 -1.65 6.69
CA HIS A 559 -4.15 -0.94 7.52
C HIS A 559 -2.74 -1.47 7.27
N THR A 560 -2.49 -1.99 6.05
CA THR A 560 -1.22 -2.48 5.52
C THR A 560 -1.00 -3.98 5.77
N VAL A 561 -1.93 -4.66 6.49
CA VAL A 561 -1.78 -6.03 6.97
C VAL A 561 -2.47 -7.03 6.03
N ASN A 562 -1.71 -8.03 5.54
CA ASN A 562 -2.29 -9.09 4.73
C ASN A 562 -1.48 -10.36 4.99
N THR A 563 -2.02 -11.19 5.91
CA THR A 563 -1.41 -12.42 6.34
C THR A 563 -1.84 -13.57 5.43
N ASP A 564 -2.86 -13.32 4.60
CA ASP A 564 -3.47 -14.37 3.80
C ASP A 564 -2.67 -14.70 2.53
N GLN A 565 -2.28 -13.69 1.74
CA GLN A 565 -1.72 -13.98 0.41
C GLN A 565 -0.41 -14.74 0.56
N ARG A 566 -0.10 -15.59 -0.44
CA ARG A 566 1.17 -16.27 -0.61
C ARG A 566 1.18 -16.97 -1.97
N ARG A 567 2.37 -17.03 -2.57
CA ARG A 567 2.60 -17.68 -3.85
C ARG A 567 3.22 -19.05 -3.63
N ILE A 568 2.62 -20.08 -4.23
CA ILE A 568 3.21 -21.42 -4.23
C ILE A 568 3.37 -21.90 -5.68
N PRO A 569 4.59 -21.75 -6.26
CA PRO A 569 4.84 -22.11 -7.65
C PRO A 569 4.90 -23.63 -7.78
N LEU A 570 4.30 -24.19 -8.85
CA LEU A 570 4.28 -25.63 -9.04
C LEU A 570 4.78 -25.95 -10.45
N THR A 571 5.64 -26.99 -10.57
CA THR A 571 6.00 -27.49 -11.88
C THR A 571 5.09 -28.64 -12.31
N ALA A 572 4.52 -28.49 -13.52
CA ALA A 572 3.64 -29.45 -14.19
C ALA A 572 4.46 -30.63 -14.72
N THR A 573 3.97 -31.86 -14.54
CA THR A 573 4.43 -33.00 -15.33
C THR A 573 3.44 -33.27 -16.46
N GLY A 574 3.96 -33.51 -17.66
CA GLY A 574 3.12 -33.88 -18.79
C GLY A 574 2.54 -35.28 -18.64
N THR A 575 1.32 -35.47 -19.15
CA THR A 575 0.63 -36.75 -19.16
C THR A 575 0.35 -37.12 -20.61
N TYR A 576 -0.67 -37.98 -20.84
CA TYR A 576 -0.96 -38.49 -22.15
C TYR A 576 -1.95 -37.58 -22.88
N GLY A 577 -2.69 -36.75 -22.13
CA GLY A 577 -3.76 -35.92 -22.66
C GLY A 577 -3.30 -34.65 -23.37
N ASN A 578 -4.28 -33.94 -23.95
CA ASN A 578 -4.03 -32.81 -24.82
C ASN A 578 -3.83 -31.54 -23.99
N ASN A 579 -2.55 -31.25 -23.68
CA ASN A 579 -2.20 -30.13 -22.82
C ASN A 579 -2.90 -30.31 -21.48
N THR A 580 -2.79 -31.50 -20.92
CA THR A 580 -3.22 -31.83 -19.56
C THR A 580 -1.96 -32.17 -18.76
N ALA A 581 -1.85 -31.60 -17.55
CA ALA A 581 -0.67 -31.76 -16.72
C ALA A 581 -1.05 -32.17 -15.29
N THR A 582 -0.09 -32.81 -14.60
CA THR A 582 -0.15 -33.09 -13.18
C THR A 582 0.56 -31.97 -12.40
N LEU A 583 -0.10 -31.51 -11.34
CA LEU A 583 0.53 -30.71 -10.29
C LEU A 583 0.49 -31.53 -9.00
N THR A 584 1.51 -31.38 -8.15
CA THR A 584 1.55 -32.01 -6.84
C THR A 584 1.56 -30.95 -5.75
N LEU A 585 0.46 -30.86 -4.98
CA LEU A 585 0.36 -29.84 -3.94
C LEU A 585 1.26 -30.23 -2.76
N PRO A 586 2.02 -29.30 -2.15
CA PRO A 586 2.79 -29.60 -0.94
C PRO A 586 1.93 -30.25 0.15
N ALA A 587 2.53 -31.18 0.90
CA ALA A 587 1.84 -31.90 1.97
C ALA A 587 1.77 -31.05 3.24
N ASP A 588 2.63 -30.03 3.35
CA ASP A 588 2.75 -29.27 4.59
C ASP A 588 1.78 -28.09 4.60
N ARG A 589 0.77 -28.19 5.47
CA ARG A 589 -0.29 -27.19 5.60
C ARG A 589 0.22 -25.93 6.29
N GLY A 590 1.44 -25.98 6.83
CA GLY A 590 2.11 -24.78 7.32
C GLY A 590 2.46 -23.88 6.15
N VAL A 591 2.79 -24.53 5.02
CA VAL A 591 3.17 -23.85 3.79
C VAL A 591 1.92 -23.69 2.93
N LEU A 592 1.21 -24.82 2.70
CA LEU A 592 -0.02 -24.75 1.92
C LEU A 592 -1.21 -24.53 2.87
N VAL A 593 -1.30 -23.30 3.42
CA VAL A 593 -2.28 -22.92 4.41
C VAL A 593 -3.65 -23.10 3.77
N PRO A 594 -4.56 -23.91 4.38
CA PRO A 594 -5.91 -24.14 3.85
C PRO A 594 -6.74 -22.89 3.65
N GLY A 595 -7.53 -22.87 2.56
CA GLY A 595 -8.33 -21.71 2.22
C GLY A 595 -8.54 -21.62 0.71
N ALA A 596 -9.13 -20.51 0.26
CA ALA A 596 -9.36 -20.24 -1.14
C ALA A 596 -8.06 -19.83 -1.83
N TYR A 597 -7.73 -20.51 -2.95
CA TYR A 597 -6.61 -20.17 -3.82
C TYR A 597 -7.09 -19.88 -5.25
N MET A 598 -6.36 -18.98 -5.92
CA MET A 598 -6.51 -18.74 -7.36
C MET A 598 -5.40 -19.51 -8.06
N LEU A 599 -5.76 -20.47 -8.91
CA LEU A 599 -4.76 -21.20 -9.67
C LEU A 599 -4.53 -20.53 -11.03
N PHE A 600 -3.26 -20.21 -11.32
CA PHE A 600 -2.89 -19.52 -12.55
C PHE A 600 -1.97 -20.37 -13.41
N ALA A 601 -2.27 -20.44 -14.72
CA ALA A 601 -1.37 -21.00 -15.72
C ALA A 601 -0.40 -19.93 -16.22
N MET A 602 0.87 -20.29 -16.27
CA MET A 602 1.92 -19.34 -16.63
C MET A 602 2.53 -19.78 -17.97
N ASP A 603 2.40 -18.95 -19.01
CA ASP A 603 2.94 -19.30 -20.32
C ASP A 603 4.44 -19.01 -20.38
N GLY A 604 5.07 -19.41 -21.48
CA GLY A 604 6.52 -19.32 -21.64
C GLY A 604 7.05 -17.89 -21.66
N ASN A 605 6.19 -16.92 -21.97
CA ASN A 605 6.58 -15.53 -21.83
C ASN A 605 6.24 -15.03 -20.43
N GLY A 606 5.70 -15.92 -19.58
CA GLY A 606 5.35 -15.55 -18.22
C GLY A 606 4.10 -14.68 -18.17
N VAL A 607 3.26 -14.79 -19.20
CA VAL A 607 1.91 -14.24 -19.18
C VAL A 607 1.00 -15.20 -18.42
N PRO A 608 0.13 -14.74 -17.48
CA PRO A 608 -0.74 -15.65 -16.72
C PRO A 608 -2.14 -15.75 -17.33
N SER A 609 -2.77 -16.92 -17.15
CA SER A 609 -4.18 -17.05 -17.46
C SER A 609 -5.00 -16.17 -16.50
N VAL A 610 -6.30 -16.07 -16.76
CA VAL A 610 -7.26 -15.83 -15.70
C VAL A 610 -7.24 -17.06 -14.78
N ALA A 611 -7.30 -16.84 -13.47
CA ALA A 611 -7.14 -17.92 -12.49
C ALA A 611 -8.46 -18.66 -12.33
N THR A 612 -8.43 -19.88 -11.80
CA THR A 612 -9.67 -20.48 -11.32
C THR A 612 -9.56 -20.70 -9.81
N THR A 613 -10.72 -20.70 -9.17
CA THR A 613 -10.84 -20.86 -7.73
C THR A 613 -10.69 -22.33 -7.38
N ILE A 614 -9.82 -22.61 -6.41
CA ILE A 614 -9.70 -23.95 -5.87
C ILE A 614 -9.61 -23.84 -4.35
N GLN A 615 -10.51 -24.53 -3.66
CA GLN A 615 -10.54 -24.51 -2.21
C GLN A 615 -9.72 -25.68 -1.67
N ILE A 616 -8.65 -25.35 -0.94
CA ILE A 616 -7.69 -26.35 -0.50
C ILE A 616 -7.83 -26.66 0.99
N SER A 617 -7.92 -27.97 1.28
CA SER A 617 -8.15 -28.58 2.58
C SER A 617 -6.85 -29.16 3.14
N SER B 1 -7.20 27.74 -9.09
CA SER B 1 -6.75 27.87 -7.68
C SER B 1 -7.93 28.33 -6.82
N HIS B 2 -7.66 28.53 -5.54
CA HIS B 2 -8.60 29.14 -4.61
C HIS B 2 -7.83 30.09 -3.70
N SER B 3 -8.53 30.70 -2.74
CA SER B 3 -7.91 31.64 -1.82
C SER B 3 -8.51 31.52 -0.43
N SER B 4 -7.71 31.75 0.60
CA SER B 4 -8.20 31.71 2.01
C SER B 4 -8.35 33.14 2.49
N GLY B 5 -7.71 34.07 1.81
CA GLY B 5 -7.74 35.49 2.20
C GLY B 5 -6.49 35.93 2.95
N ALA B 6 -6.35 37.22 3.19
CA ALA B 6 -5.23 37.78 3.96
C ALA B 6 -5.84 38.42 5.21
#